data_7V7W
#
_entry.id   7V7W
#
_cell.length_a   65.944
_cell.length_b   86.787
_cell.length_c   143.715
_cell.angle_alpha   90.000
_cell.angle_beta   90.000
_cell.angle_gamma   90.000
#
_symmetry.space_group_name_H-M   'P 21 21 21'
#
loop_
_entity.id
_entity.type
_entity.pdbx_description
1 polymer 'Aryl hydrocarbon receptor nuclear translocator'
2 polymer 'Hypoxia-inducible factor 3-alpha'
3 non-polymer (Z)-N-(2-hydroxyethyl)octadec-9-enamide
4 water water
#
loop_
_entity_poly.entity_id
_entity_poly.type
_entity_poly.pdbx_seq_one_letter_code
_entity_poly.pdbx_strand_id
1 'polypeptide(L)'
;MSSADKERLARENHSEIERRRRNKMTAYITELSDMVPTCSALARKPDKLTILRMAVSHMKSLRGTGNTSTDGSYKPSFLT
DQELKHLILEAADGFLFIVSCETGRVVYVSDSVTPVLNQPQSEWFGSTLYDQVHPDDVDKLREQLSTSENAMGSRRSFIC
RMRCGTSSVDPVSMNRLSFLRNRCRNGLGSVKEGEPHFVVVHCTGYIKAWPPAGVSLPDDDPEAGQGSKFCLVAIGRLQV
TSSPNCTDMSNICQPTEFISRHNIEGIFTFVDHRCVATVGYQPQELLGKNIVEFCHPEDQQLLRDSFQQVVKLKGQVLSV
MFRFRSKTREWLWMRTSSFTFQNPYSDEIEYIICTNTNV
;
A
2 'polypeptide(L)'
;MDQDRSNTELRKEKSRDAARSRRSQETEVLYQLAHTLPFARGVSAHLDKASIMRLTISYLRMHRLCAAGEWNQVEKGGEP
LDACYLKALEGFVMVLTAEGDMAYLSENVSKHLGLSQLELIGHSIFDFIHPCDQEELQDALTPRPNLSKKKLEAPTERHF
SLRMKSTLTSRGRTLNLKAATWKVLHCSGHMRAYKPPAQTSPAGSPRSEPPLQCLVLICEAIPHPASLEPPLGRGAFLSR
HSLDMKFTYCDERIAEVAGYSPDDLIGCSAYEYIHALDSDAVSRSIHTLLSKGQAVTGQYRFLARTGGYLWTQTQATVVS
GGRGPQSESIICVHFLISRVEETGVVLSLEQTEQHTLEHHHHHH
;
B
#
# COMPACT_ATOMS: atom_id res chain seq x y z
N ARG A 19 -37.83 17.94 -12.29
CA ARG A 19 -36.99 18.87 -13.04
C ARG A 19 -35.61 19.05 -12.40
N ARG A 20 -35.36 18.33 -11.31
CA ARG A 20 -33.97 18.08 -10.95
C ARG A 20 -33.27 17.30 -12.06
N ARG A 21 -34.07 16.66 -12.93
CA ARG A 21 -33.53 15.89 -14.04
C ARG A 21 -32.90 16.77 -15.12
N ARG A 22 -33.45 17.97 -15.36
CA ARG A 22 -32.89 18.80 -16.40
C ARG A 22 -32.29 20.12 -15.92
N ASN A 23 -32.30 20.39 -14.62
CA ASN A 23 -31.28 21.31 -14.11
C ASN A 23 -29.91 20.67 -14.25
N LYS A 24 -29.83 19.35 -14.03
CA LYS A 24 -28.58 18.64 -14.31
C LYS A 24 -28.33 18.52 -15.81
N MET A 25 -29.37 18.45 -16.64
CA MET A 25 -29.12 18.38 -18.08
C MET A 25 -28.70 19.73 -18.64
N THR A 26 -29.27 20.82 -18.13
CA THR A 26 -28.80 22.14 -18.52
C THR A 26 -27.37 22.38 -18.03
N ALA A 27 -27.06 21.97 -16.81
CA ALA A 27 -25.68 22.03 -16.34
C ALA A 27 -24.77 21.16 -17.21
N TYR A 28 -25.25 19.97 -17.60
CA TYR A 28 -24.49 19.08 -18.46
C TYR A 28 -24.17 19.75 -19.79
N ILE A 29 -25.16 20.40 -20.39
CA ILE A 29 -24.98 21.00 -21.71
C ILE A 29 -24.09 22.23 -21.62
N THR A 30 -24.20 23.00 -20.54
CA THR A 30 -23.26 24.12 -20.35
C THR A 30 -21.84 23.61 -20.17
N GLU A 31 -21.67 22.54 -19.38
CA GLU A 31 -20.36 21.91 -19.22
C GLU A 31 -19.80 21.47 -20.57
N LEU A 32 -20.62 20.79 -21.36
CA LEU A 32 -20.18 20.34 -22.69
C LEU A 32 -19.78 21.52 -23.56
N SER A 33 -20.55 22.61 -23.54
CA SER A 33 -20.19 23.80 -24.28
C SER A 33 -18.82 24.30 -23.87
N ASP A 34 -18.57 24.39 -22.56
CA ASP A 34 -17.27 24.85 -22.09
C ASP A 34 -16.16 23.90 -22.53
N MET A 35 -16.46 22.61 -22.68
CA MET A 35 -15.39 21.64 -22.97
C MET A 35 -15.07 21.51 -24.46
N VAL A 36 -15.97 21.92 -25.36
CA VAL A 36 -15.71 21.81 -26.79
C VAL A 36 -14.99 23.08 -27.25
N PRO A 37 -13.98 22.99 -28.12
CA PRO A 37 -13.25 24.18 -28.58
C PRO A 37 -13.97 24.92 -29.71
N THR A 38 -15.19 25.38 -29.43
CA THR A 38 -15.91 26.25 -30.35
C THR A 38 -16.56 27.39 -29.57
N PRO A 46 -24.83 29.91 -28.66
CA PRO A 46 -25.44 28.71 -29.25
C PRO A 46 -26.44 28.10 -28.30
N ASP A 47 -27.52 27.55 -28.84
CA ASP A 47 -28.57 26.92 -28.02
C ASP A 47 -28.29 25.43 -27.93
N LYS A 48 -28.76 24.83 -26.82
CA LYS A 48 -28.70 23.40 -26.43
C LYS A 48 -28.51 22.41 -27.59
N LEU A 49 -29.35 22.49 -28.62
CA LEU A 49 -29.28 21.54 -29.75
C LEU A 49 -28.05 21.88 -30.59
N THR A 50 -27.70 23.14 -30.70
CA THR A 50 -26.54 23.46 -31.57
C THR A 50 -25.25 23.09 -30.86
N ILE A 51 -25.21 23.27 -29.54
CA ILE A 51 -23.94 22.93 -28.85
C ILE A 51 -23.83 21.41 -28.83
N LEU A 52 -24.96 20.70 -28.70
CA LEU A 52 -24.84 19.24 -28.74
C LEU A 52 -24.63 18.73 -30.17
N ARG A 53 -24.99 19.51 -31.18
CA ARG A 53 -24.76 19.08 -32.58
C ARG A 53 -23.28 19.31 -32.89
N MET A 54 -22.67 20.29 -32.24
CA MET A 54 -21.24 20.55 -32.51
C MET A 54 -20.42 19.57 -31.67
N ALA A 55 -21.01 19.08 -30.58
CA ALA A 55 -20.36 18.10 -29.70
C ALA A 55 -20.14 16.86 -30.55
N VAL A 56 -21.21 16.46 -31.21
CA VAL A 56 -21.21 15.29 -32.13
C VAL A 56 -20.05 15.48 -33.09
N SER A 57 -20.00 16.61 -33.78
CA SER A 57 -18.92 16.81 -34.76
C SER A 57 -17.55 16.76 -34.09
N HIS A 58 -17.38 17.40 -32.94
CA HIS A 58 -16.07 17.35 -32.30
C HIS A 58 -15.77 15.97 -31.76
N MET A 59 -16.79 15.17 -31.43
CA MET A 59 -16.54 13.79 -31.06
C MET A 59 -15.98 13.01 -32.23
N LYS A 60 -16.52 13.26 -33.43
CA LYS A 60 -15.94 12.62 -34.59
C LYS A 60 -14.59 13.21 -34.98
N SER A 61 -14.24 14.39 -34.45
CA SER A 61 -12.87 14.89 -34.59
C SER A 61 -11.85 13.86 -34.10
N LEU A 62 -12.05 13.33 -32.90
CA LEU A 62 -11.10 12.41 -32.29
C LEU A 62 -11.34 10.98 -32.76
N PRO A 76 -12.42 -0.57 -29.28
CA PRO A 76 -12.71 0.80 -28.87
C PRO A 76 -12.83 0.93 -27.35
N SER A 77 -11.86 1.61 -26.74
CA SER A 77 -11.83 1.81 -25.30
C SER A 77 -11.86 3.29 -24.97
N PHE A 78 -12.09 3.58 -23.69
CA PHE A 78 -12.13 4.97 -23.23
C PHE A 78 -10.82 5.68 -23.53
N LEU A 79 -9.72 5.13 -23.05
CA LEU A 79 -8.38 5.62 -23.37
C LEU A 79 -7.65 4.59 -24.23
N THR A 80 -6.56 5.03 -24.84
CA THR A 80 -5.73 4.12 -25.60
C THR A 80 -4.74 3.42 -24.67
N ASP A 81 -4.22 2.28 -25.14
CA ASP A 81 -3.26 1.52 -24.34
C ASP A 81 -2.03 2.36 -24.01
N GLN A 82 -1.62 3.24 -24.92
CA GLN A 82 -0.51 4.15 -24.67
C GLN A 82 -0.84 5.12 -23.53
N GLU A 83 -2.01 5.76 -23.61
CA GLU A 83 -2.43 6.67 -22.56
C GLU A 83 -2.51 5.97 -21.21
N LEU A 84 -3.06 4.76 -21.19
CA LEU A 84 -3.18 4.03 -19.92
C LEU A 84 -1.81 3.61 -19.39
N LYS A 85 -0.88 3.24 -20.27
CA LYS A 85 0.48 2.95 -19.84
C LYS A 85 1.08 4.16 -19.13
N HIS A 86 0.95 5.34 -19.75
CA HIS A 86 1.53 6.54 -19.15
C HIS A 86 0.83 6.90 -17.85
N LEU A 87 -0.49 6.69 -17.77
CA LEU A 87 -1.20 6.93 -16.51
C LEU A 87 -0.69 6.02 -15.41
N ILE A 88 -0.56 4.72 -15.71
CA ILE A 88 -0.08 3.76 -14.73
C ILE A 88 1.33 4.15 -14.26
N LEU A 89 2.18 4.59 -15.18
CA LEU A 89 3.53 4.99 -14.80
C LEU A 89 3.57 6.33 -14.09
N GLU A 90 2.48 7.06 -14.15
CA GLU A 90 2.36 8.35 -13.43
C GLU A 90 1.95 8.00 -11.99
N ALA A 91 1.20 6.93 -11.83
CA ALA A 91 0.74 6.50 -10.51
C ALA A 91 1.72 5.57 -9.80
N ALA A 92 2.41 4.71 -10.53
CA ALA A 92 3.29 3.71 -9.94
C ALA A 92 4.74 4.00 -10.27
N ASP A 93 5.60 3.90 -9.24
CA ASP A 93 7.05 3.97 -9.44
C ASP A 93 7.54 2.57 -9.82
N GLY A 94 7.22 2.17 -11.05
CA GLY A 94 7.43 0.81 -11.49
C GLY A 94 7.91 0.74 -12.93
N PHE A 95 8.19 -0.49 -13.35
CA PHE A 95 8.71 -0.78 -14.68
C PHE A 95 8.23 -2.15 -15.11
N LEU A 96 8.04 -2.31 -16.42
CA LEU A 96 7.57 -3.56 -16.98
C LEU A 96 8.75 -4.42 -17.43
N PHE A 97 8.68 -5.72 -17.13
CA PHE A 97 9.69 -6.66 -17.59
C PHE A 97 9.04 -7.99 -17.94
N ILE A 98 9.55 -8.60 -19.01
CA ILE A 98 9.13 -9.92 -19.46
C ILE A 98 10.36 -10.82 -19.39
N VAL A 99 10.25 -11.90 -18.63
CA VAL A 99 11.37 -12.83 -18.44
C VAL A 99 10.93 -14.23 -18.79
N SER A 100 11.86 -15.05 -19.25
CA SER A 100 11.56 -16.44 -19.53
C SER A 100 11.31 -17.19 -18.22
N CYS A 101 10.29 -18.05 -18.23
CA CYS A 101 9.91 -18.74 -17.01
C CYS A 101 10.89 -19.83 -16.59
N GLU A 102 11.57 -20.41 -17.56
CA GLU A 102 12.47 -21.57 -17.36
C GLU A 102 13.86 -21.21 -16.87
N THR A 103 14.41 -20.13 -17.40
CA THR A 103 15.75 -19.66 -17.08
C THR A 103 15.78 -18.29 -16.42
N GLY A 104 14.67 -17.55 -16.43
CA GLY A 104 14.68 -16.19 -15.94
C GLY A 104 15.27 -15.18 -16.90
N ARG A 105 15.59 -15.60 -18.14
CA ARG A 105 16.23 -14.72 -19.09
C ARG A 105 15.35 -13.51 -19.40
N VAL A 106 15.93 -12.32 -19.29
CA VAL A 106 15.21 -11.08 -19.56
C VAL A 106 14.87 -11.03 -21.04
N VAL A 107 13.59 -11.19 -21.37
CA VAL A 107 13.17 -11.04 -22.76
C VAL A 107 12.96 -9.57 -23.10
N TYR A 108 12.43 -8.80 -22.16
CA TYR A 108 12.20 -7.38 -22.40
C TYR A 108 12.20 -6.64 -21.07
N VAL A 109 12.65 -5.39 -21.12
CA VAL A 109 12.57 -4.48 -19.97
C VAL A 109 12.36 -3.07 -20.49
N SER A 110 11.47 -2.34 -19.83
CA SER A 110 11.16 -0.98 -20.26
C SER A 110 12.19 0.00 -19.73
N ASP A 111 12.23 1.19 -20.34
CA ASP A 111 13.18 2.22 -19.94
C ASP A 111 12.93 2.67 -18.51
N SER A 112 11.68 2.54 -18.03
CA SER A 112 11.33 2.93 -16.67
C SER A 112 12.24 2.32 -15.62
N VAL A 113 12.97 1.25 -15.97
CA VAL A 113 13.82 0.58 -15.00
C VAL A 113 14.96 1.48 -14.55
N THR A 114 15.38 2.45 -15.36
CA THR A 114 16.51 3.27 -14.93
C THR A 114 16.07 4.37 -13.95
N PRO A 115 14.99 5.11 -14.23
CA PRO A 115 14.50 6.04 -13.19
C PRO A 115 14.02 5.34 -11.93
N VAL A 116 13.69 4.05 -12.01
CA VAL A 116 13.20 3.31 -10.85
C VAL A 116 14.33 2.64 -10.09
N LEU A 117 15.16 1.85 -10.79
CA LEU A 117 16.19 1.05 -10.15
C LEU A 117 17.60 1.63 -10.32
N ASN A 118 17.72 2.82 -10.90
CA ASN A 118 19.03 3.45 -11.13
C ASN A 118 19.95 2.55 -11.95
N GLN A 119 19.36 1.72 -12.82
CA GLN A 119 20.11 0.76 -13.60
C GLN A 119 19.82 0.97 -15.08
N PRO A 120 20.84 1.10 -15.92
CA PRO A 120 20.59 1.21 -17.37
C PRO A 120 20.07 -0.11 -17.92
N GLN A 121 19.37 -0.01 -19.04
CA GLN A 121 18.93 -1.22 -19.75
C GLN A 121 20.11 -2.08 -20.19
N SER A 122 21.34 -1.54 -20.15
CA SER A 122 22.52 -2.34 -20.43
C SER A 122 22.63 -3.53 -19.50
N GLU A 123 22.29 -3.33 -18.22
CA GLU A 123 22.49 -4.37 -17.21
C GLU A 123 21.40 -5.44 -17.24
N TRP A 124 20.21 -5.10 -17.73
CA TRP A 124 19.11 -6.04 -17.75
C TRP A 124 19.08 -6.87 -19.04
N PHE A 125 19.17 -6.20 -20.19
CA PHE A 125 19.19 -6.92 -21.46
C PHE A 125 20.43 -7.78 -21.56
N GLY A 126 20.24 -9.03 -22.01
CA GLY A 126 21.33 -9.98 -22.07
C GLY A 126 21.60 -10.73 -20.78
N SER A 127 20.82 -10.49 -19.74
CA SER A 127 20.97 -11.15 -18.44
C SER A 127 19.68 -11.88 -18.08
N THR A 128 19.67 -12.48 -16.91
CA THR A 128 18.49 -13.13 -16.36
C THR A 128 17.99 -12.33 -15.16
N LEU A 129 16.75 -12.62 -14.76
CA LEU A 129 16.19 -11.99 -13.58
C LEU A 129 16.95 -12.39 -12.32
N TYR A 130 17.57 -13.57 -12.33
CA TYR A 130 18.37 -14.00 -11.19
C TYR A 130 19.67 -13.21 -11.06
N ASP A 131 20.14 -12.62 -12.16
CA ASP A 131 21.30 -11.73 -12.08
C ASP A 131 20.96 -10.42 -11.38
N GLN A 132 19.67 -10.12 -11.22
CA GLN A 132 19.23 -8.83 -10.67
C GLN A 132 18.71 -8.92 -9.25
N VAL A 133 18.39 -10.11 -8.75
CA VAL A 133 17.74 -10.26 -7.47
C VAL A 133 18.76 -10.61 -6.40
N HIS A 134 18.36 -10.47 -5.13
CA HIS A 134 19.19 -10.89 -4.02
C HIS A 134 19.35 -12.42 -4.04
N PRO A 135 20.55 -12.93 -3.75
CA PRO A 135 20.76 -14.38 -3.81
C PRO A 135 19.81 -15.18 -2.93
N ASP A 136 19.29 -14.59 -1.86
CA ASP A 136 18.34 -15.28 -0.99
C ASP A 136 16.94 -15.33 -1.57
N ASP A 137 16.66 -14.58 -2.62
CA ASP A 137 15.35 -14.57 -3.27
C ASP A 137 15.29 -15.48 -4.49
N VAL A 138 16.37 -16.22 -4.78
CA VAL A 138 16.44 -17.00 -6.01
C VAL A 138 15.45 -18.16 -5.98
N ASP A 139 15.37 -18.87 -4.85
CA ASP A 139 14.44 -19.99 -4.74
C ASP A 139 12.99 -19.51 -4.89
N LYS A 140 12.65 -18.42 -4.20
CA LYS A 140 11.30 -17.88 -4.27
C LYS A 140 10.95 -17.45 -5.69
N LEU A 141 11.91 -16.80 -6.38
CA LEU A 141 11.66 -16.41 -7.77
C LEU A 141 11.49 -17.63 -8.67
N ARG A 142 12.30 -18.66 -8.46
CA ARG A 142 12.18 -19.87 -9.28
C ARG A 142 10.83 -20.53 -9.08
N GLU A 143 10.32 -20.53 -7.85
CA GLU A 143 8.98 -21.08 -7.62
C GLU A 143 7.90 -20.19 -8.23
N GLN A 144 8.13 -18.88 -8.28
CA GLN A 144 7.17 -18.00 -8.95
C GLN A 144 7.20 -18.19 -10.47
N LEU A 145 8.34 -18.62 -11.02
CA LEU A 145 8.48 -18.79 -12.45
C LEU A 145 8.09 -20.19 -12.94
N SER A 146 7.84 -21.12 -12.03
CA SER A 146 7.42 -22.46 -12.44
C SER A 146 5.98 -22.44 -12.92
N THR A 147 5.70 -23.21 -13.96
CA THR A 147 4.37 -23.29 -14.56
C THR A 147 3.78 -24.69 -14.41
N SER A 148 4.22 -25.41 -13.38
CA SER A 148 3.80 -26.81 -13.10
C SER A 148 2.37 -26.94 -12.53
N GLU A 149 1.83 -25.93 -11.88
CA GLU A 149 0.46 -25.93 -11.40
C GLU A 149 -0.38 -24.88 -12.11
N ASN A 150 0.15 -23.68 -12.26
CA ASN A 150 -0.53 -22.57 -12.90
C ASN A 150 0.28 -22.14 -14.12
N ALA A 151 -0.36 -22.17 -15.30
CA ALA A 151 0.36 -21.99 -16.56
C ALA A 151 -0.22 -20.76 -17.26
N MET A 152 -0.76 -20.92 -18.47
CA MET A 152 -1.08 -19.78 -19.32
C MET A 152 -2.24 -18.98 -18.77
N GLY A 153 -2.03 -17.67 -18.62
CA GLY A 153 -3.04 -16.77 -18.09
C GLY A 153 -3.03 -16.60 -16.59
N SER A 154 -2.38 -17.51 -15.87
CA SER A 154 -2.39 -17.46 -14.41
C SER A 154 -1.55 -16.28 -13.92
N ARG A 155 -1.83 -15.87 -12.68
CA ARG A 155 -1.29 -14.65 -12.10
C ARG A 155 -0.15 -14.95 -11.13
N ARG A 156 0.70 -13.95 -10.95
CA ARG A 156 1.83 -14.03 -10.03
C ARG A 156 1.90 -12.75 -9.20
N SER A 157 2.17 -12.93 -7.91
CA SER A 157 2.28 -11.83 -6.95
C SER A 157 3.38 -12.18 -5.97
N PHE A 158 4.45 -11.37 -5.94
CA PHE A 158 5.53 -11.69 -5.02
C PHE A 158 6.41 -10.46 -4.80
N ILE A 159 7.10 -10.46 -3.67
CA ILE A 159 8.07 -9.42 -3.33
C ILE A 159 9.46 -10.01 -3.47
N CYS A 160 10.41 -9.20 -3.95
CA CYS A 160 11.80 -9.61 -3.96
C CYS A 160 12.67 -8.37 -3.84
N ARG A 161 13.99 -8.57 -3.89
CA ARG A 161 14.94 -7.49 -3.74
C ARG A 161 15.84 -7.45 -4.97
N MET A 162 15.90 -6.29 -5.61
CA MET A 162 16.62 -6.14 -6.87
C MET A 162 17.80 -5.18 -6.71
N ARG A 163 18.82 -5.40 -7.53
CA ARG A 163 20.02 -4.58 -7.51
C ARG A 163 19.72 -3.20 -8.06
N CYS A 164 20.15 -2.17 -7.35
CA CYS A 164 20.11 -0.81 -7.86
C CYS A 164 21.51 -0.38 -8.28
N GLY A 165 21.58 0.72 -9.02
CA GLY A 165 22.86 1.27 -9.42
C GLY A 165 23.71 1.65 -8.25
N THR A 166 24.92 1.09 -8.15
CA THR A 166 25.78 1.29 -6.99
C THR A 166 27.09 1.93 -7.42
N SER A 167 27.53 2.92 -6.64
CA SER A 167 28.79 3.60 -6.94
C SER A 167 29.97 2.70 -6.69
N SER A 168 29.96 1.94 -5.60
CA SER A 168 31.06 1.06 -5.25
C SER A 168 31.25 -0.04 -6.29
N GLU A 195 29.96 -3.73 -5.09
CA GLU A 195 29.24 -4.03 -3.86
C GLU A 195 27.79 -3.61 -3.99
N PRO A 196 26.90 -4.57 -4.23
CA PRO A 196 25.53 -4.24 -4.65
C PRO A 196 24.66 -3.75 -3.49
N HIS A 197 23.76 -2.84 -3.84
CA HIS A 197 22.71 -2.37 -2.95
C HIS A 197 21.37 -2.87 -3.47
N PHE A 198 20.54 -3.37 -2.56
CA PHE A 198 19.28 -3.99 -2.92
C PHE A 198 18.10 -3.15 -2.45
N VAL A 199 17.04 -3.14 -3.26
CA VAL A 199 15.81 -2.44 -2.92
C VAL A 199 14.64 -3.40 -3.06
N VAL A 200 13.60 -3.17 -2.26
CA VAL A 200 12.43 -4.04 -2.22
C VAL A 200 11.51 -3.67 -3.37
N VAL A 201 11.20 -4.65 -4.23
CA VAL A 201 10.33 -4.47 -5.38
C VAL A 201 9.15 -5.42 -5.24
N HIS A 202 7.94 -4.86 -5.39
CA HIS A 202 6.72 -5.66 -5.45
C HIS A 202 6.43 -5.97 -6.92
N CYS A 203 6.29 -7.25 -7.23
CA CYS A 203 6.12 -7.73 -8.59
C CYS A 203 4.74 -8.34 -8.74
N THR A 204 4.02 -7.92 -9.78
CA THR A 204 2.75 -8.54 -10.13
C THR A 204 2.71 -8.77 -11.64
N GLY A 205 2.23 -9.92 -12.05
CA GLY A 205 2.20 -10.21 -13.47
C GLY A 205 1.40 -11.43 -13.81
N TYR A 206 1.59 -11.91 -15.04
CA TYR A 206 0.87 -13.06 -15.56
C TYR A 206 1.77 -13.87 -16.48
N ILE A 207 1.45 -15.16 -16.59
CA ILE A 207 2.19 -16.08 -17.44
C ILE A 207 1.59 -16.03 -18.84
N LYS A 208 2.47 -16.00 -19.85
CA LYS A 208 2.06 -15.82 -21.23
C LYS A 208 2.99 -16.62 -22.13
N ALA A 209 2.41 -17.30 -23.12
CA ALA A 209 3.22 -18.00 -24.10
C ALA A 209 3.94 -16.99 -24.99
N TRP A 210 5.22 -17.25 -25.25
CA TRP A 210 6.04 -16.30 -26.00
C TRP A 210 6.32 -16.84 -27.40
N PRO A 211 5.71 -16.28 -28.45
CA PRO A 211 5.94 -16.68 -29.85
C PRO A 211 7.30 -16.21 -30.36
N SER A 228 9.62 -24.05 -23.66
CA SER A 228 10.66 -23.07 -23.92
C SER A 228 10.04 -21.74 -24.35
N LYS A 229 8.72 -21.60 -24.14
CA LYS A 229 7.99 -20.43 -24.61
C LYS A 229 7.15 -19.75 -23.54
N PHE A 230 7.05 -20.30 -22.33
CA PHE A 230 6.32 -19.63 -21.26
C PHE A 230 7.17 -18.51 -20.67
N CYS A 231 6.54 -17.37 -20.41
CA CYS A 231 7.24 -16.21 -19.86
C CYS A 231 6.35 -15.54 -18.83
N LEU A 232 6.99 -14.78 -17.94
CA LEU A 232 6.30 -13.93 -16.99
C LEU A 232 6.34 -12.50 -17.51
N VAL A 233 5.17 -11.92 -17.72
CA VAL A 233 5.01 -10.50 -18.03
C VAL A 233 4.59 -9.82 -16.73
N ALA A 234 5.45 -8.97 -16.18
CA ALA A 234 5.19 -8.43 -14.86
C ALA A 234 5.58 -6.97 -14.80
N ILE A 235 5.06 -6.29 -13.79
CA ILE A 235 5.47 -4.95 -13.41
C ILE A 235 6.06 -5.03 -12.01
N GLY A 236 7.19 -4.34 -11.82
CA GLY A 236 7.84 -4.22 -10.52
C GLY A 236 7.80 -2.78 -10.06
N ARG A 237 7.31 -2.58 -8.84
CA ARG A 237 7.09 -1.25 -8.30
C ARG A 237 7.81 -1.10 -6.97
N LEU A 238 8.29 0.11 -6.72
CA LEU A 238 8.78 0.54 -5.41
C LEU A 238 7.73 1.42 -4.74
N GLN A 239 7.88 1.59 -3.43
CA GLN A 239 7.02 2.48 -2.65
C GLN A 239 5.55 2.12 -2.77
N VAL A 240 5.25 0.82 -2.69
CA VAL A 240 3.86 0.39 -2.72
C VAL A 240 3.17 0.73 -1.40
N THR A 241 3.92 0.73 -0.30
CA THR A 241 3.45 1.17 0.99
C THR A 241 4.44 2.19 1.56
N SER A 242 4.15 2.69 2.76
CA SER A 242 5.07 3.59 3.42
C SER A 242 6.37 2.87 3.74
N SER A 243 7.48 3.62 3.68
CA SER A 243 8.76 3.03 4.02
C SER A 243 8.92 2.92 5.53
N PRO A 244 9.59 1.87 6.00
CA PRO A 244 9.77 1.68 7.44
C PRO A 244 10.95 2.50 7.98
N ASN A 245 10.93 2.71 9.29
CA ASN A 245 12.09 3.26 9.98
C ASN A 245 13.19 2.21 10.03
N CYS A 246 14.00 2.14 8.97
CA CYS A 246 15.03 1.10 8.88
C CYS A 246 16.07 1.26 9.98
N THR A 247 16.41 2.50 10.32
CA THR A 247 17.58 2.76 11.20
C THR A 247 17.30 3.60 12.44
N ASP A 248 16.44 4.61 12.32
CA ASP A 248 16.09 5.62 13.35
C ASP A 248 17.21 6.67 13.45
N MET A 249 18.27 6.53 12.66
CA MET A 249 19.49 7.37 12.62
C MET A 249 19.23 8.81 12.15
N SER A 250 19.56 9.80 12.96
CA SER A 250 19.33 11.23 12.57
C SER A 250 20.67 11.97 12.43
N ASN A 251 21.77 11.22 12.31
CA ASN A 251 23.16 11.74 12.21
C ASN A 251 23.94 10.91 11.21
N ILE A 252 25.25 11.03 11.24
CA ILE A 252 26.11 10.16 10.40
C ILE A 252 27.21 9.62 11.31
N CYS A 253 27.21 9.96 12.58
CA CYS A 253 28.27 9.56 13.50
C CYS A 253 27.69 8.61 14.55
N GLN A 254 28.51 8.29 15.53
CA GLN A 254 28.08 7.43 16.66
C GLN A 254 26.66 7.76 17.12
N PRO A 255 25.80 6.75 17.34
CA PRO A 255 24.41 7.01 17.72
C PRO A 255 24.27 7.86 18.97
N THR A 256 23.19 8.63 19.02
CA THR A 256 22.90 9.49 20.16
C THR A 256 21.82 8.92 21.08
N GLU A 257 21.02 7.97 20.61
CA GLU A 257 19.90 7.45 21.38
C GLU A 257 19.68 5.98 21.04
N PHE A 258 18.81 5.35 21.82
CA PHE A 258 18.35 4.01 21.50
C PHE A 258 16.91 3.85 22.00
N ILE A 259 16.19 2.93 21.37
CA ILE A 259 14.81 2.64 21.71
C ILE A 259 14.77 1.46 22.66
N SER A 260 13.87 1.52 23.65
CA SER A 260 13.67 0.43 24.58
C SER A 260 12.19 0.23 24.82
N ARG A 261 11.83 -0.98 25.22
CA ARG A 261 10.48 -1.29 25.68
C ARG A 261 10.56 -1.84 27.10
N HIS A 262 9.54 -1.54 27.90
CA HIS A 262 9.52 -1.94 29.29
C HIS A 262 8.13 -2.45 29.64
N ASN A 263 8.08 -3.37 30.60
CA ASN A 263 6.80 -3.78 31.13
C ASN A 263 6.30 -2.74 32.14
N ILE A 264 5.17 -3.04 32.77
CA ILE A 264 4.58 -2.08 33.71
C ILE A 264 5.44 -1.89 34.95
N GLU A 265 6.33 -2.84 35.25
CA GLU A 265 7.22 -2.71 36.40
C GLU A 265 8.52 -1.98 36.06
N GLY A 266 8.74 -1.64 34.79
CA GLY A 266 9.94 -0.95 34.38
C GLY A 266 11.07 -1.82 33.89
N ILE A 267 10.83 -3.12 33.71
CA ILE A 267 11.87 -4.06 33.31
C ILE A 267 12.14 -3.91 31.82
N PHE A 268 13.43 -3.84 31.45
CA PHE A 268 13.84 -3.87 30.04
C PHE A 268 13.38 -5.16 29.37
N THR A 269 12.43 -5.06 28.44
CA THR A 269 12.03 -6.21 27.63
C THR A 269 12.40 -6.07 26.16
N PHE A 270 12.88 -4.91 25.75
CA PHE A 270 13.40 -4.71 24.40
C PHE A 270 14.41 -3.58 24.42
N VAL A 271 15.45 -3.70 23.60
CA VAL A 271 16.44 -2.65 23.44
C VAL A 271 17.21 -2.92 22.14
N ASP A 272 17.46 -1.87 21.38
CA ASP A 272 18.22 -2.02 20.15
C ASP A 272 19.71 -1.78 20.40
N HIS A 273 20.54 -2.27 19.48
CA HIS A 273 21.97 -2.40 19.72
C HIS A 273 22.67 -1.07 19.96
N ARG A 274 22.05 0.05 19.57
CA ARG A 274 22.68 1.35 19.77
C ARG A 274 22.99 1.63 21.23
N CYS A 275 22.42 0.85 22.12
CA CYS A 275 22.70 1.02 23.57
C CYS A 275 24.19 0.81 23.83
N VAL A 276 24.83 -0.07 23.07
CA VAL A 276 26.26 -0.31 23.22
C VAL A 276 27.05 0.97 23.00
N ALA A 277 26.61 1.80 22.07
CA ALA A 277 27.33 3.03 21.78
C ALA A 277 26.93 4.16 22.73
N THR A 278 25.72 4.14 23.27
CA THR A 278 25.26 5.26 24.08
C THR A 278 25.60 5.10 25.55
N VAL A 279 25.40 3.90 26.11
CA VAL A 279 25.63 3.65 27.52
C VAL A 279 26.66 2.55 27.77
N GLY A 280 27.19 1.93 26.71
CA GLY A 280 28.26 0.96 26.86
C GLY A 280 27.84 -0.42 27.33
N TYR A 281 26.55 -0.68 27.44
CA TYR A 281 26.05 -1.99 27.84
C TYR A 281 25.59 -2.77 26.62
N GLN A 282 25.88 -4.06 26.62
CA GLN A 282 25.27 -4.94 25.64
C GLN A 282 23.78 -5.05 25.92
N PRO A 283 22.97 -5.36 24.92
CA PRO A 283 21.52 -5.50 25.15
C PRO A 283 21.18 -6.47 26.27
N GLN A 284 21.88 -7.60 26.35
CA GLN A 284 21.60 -8.58 27.40
C GLN A 284 21.98 -8.05 28.79
N GLU A 285 22.89 -7.07 28.87
CA GLU A 285 23.21 -6.45 30.14
C GLU A 285 22.13 -5.51 30.64
N LEU A 286 21.19 -5.13 29.77
CA LEU A 286 20.06 -4.29 30.14
C LEU A 286 18.76 -5.09 30.30
N LEU A 287 18.50 -6.02 29.38
CA LEU A 287 17.26 -6.79 29.43
C LEU A 287 17.19 -7.60 30.73
N GLY A 288 15.99 -7.66 31.31
CA GLY A 288 15.78 -8.31 32.57
C GLY A 288 15.95 -7.44 33.79
N LYS A 289 16.69 -6.33 33.67
CA LYS A 289 16.90 -5.41 34.77
C LYS A 289 15.95 -4.21 34.63
N ASN A 290 15.71 -3.55 35.76
CA ASN A 290 14.84 -2.39 35.78
C ASN A 290 15.62 -1.14 35.36
N ILE A 291 14.90 -0.20 34.73
CA ILE A 291 15.53 1.04 34.31
C ILE A 291 16.01 1.83 35.51
N VAL A 292 15.30 1.76 36.64
CA VAL A 292 15.69 2.49 37.83
C VAL A 292 17.00 1.99 38.40
N GLU A 293 17.40 0.76 38.10
CA GLU A 293 18.71 0.27 38.52
C GLU A 293 19.84 1.01 37.84
N PHE A 294 19.56 1.73 36.75
CA PHE A 294 20.56 2.50 36.03
C PHE A 294 20.42 4.00 36.25
N CYS A 295 19.51 4.42 37.11
CA CYS A 295 19.26 5.83 37.36
C CYS A 295 19.93 6.26 38.66
N HIS A 296 20.46 7.48 38.67
CA HIS A 296 21.06 8.04 39.86
C HIS A 296 20.03 8.06 40.99
N PRO A 297 20.42 7.69 42.22
CA PRO A 297 19.45 7.72 43.33
C PRO A 297 18.79 9.08 43.51
N GLU A 298 19.57 10.15 43.46
CA GLU A 298 19.03 11.50 43.61
C GLU A 298 17.98 11.83 42.54
N ASP A 299 17.96 11.09 41.43
CA ASP A 299 16.99 11.31 40.38
C ASP A 299 15.86 10.29 40.39
N GLN A 300 16.00 9.20 41.16
CA GLN A 300 15.13 8.06 41.00
C GLN A 300 13.66 8.41 41.19
N GLN A 301 13.34 9.08 42.26
CA GLN A 301 11.95 9.52 42.52
C GLN A 301 11.39 10.21 41.29
N LEU A 302 12.11 11.16 40.74
CA LEU A 302 11.70 11.84 39.50
C LEU A 302 11.45 10.84 38.37
N LEU A 303 12.36 9.92 38.13
CA LEU A 303 12.14 8.93 37.08
C LEU A 303 10.85 8.15 37.36
N ARG A 304 10.66 7.68 38.59
CA ARG A 304 9.48 6.87 38.97
C ARG A 304 8.22 7.72 38.85
N ASP A 305 8.26 8.99 39.18
CA ASP A 305 7.04 9.81 39.07
C ASP A 305 6.63 9.92 37.60
N SER A 306 7.59 10.20 36.72
CA SER A 306 7.33 10.31 35.30
C SER A 306 6.76 9.02 34.73
N PHE A 307 7.33 7.87 35.12
CA PHE A 307 6.78 6.61 34.62
C PHE A 307 5.34 6.43 35.07
N GLN A 308 5.06 6.71 36.35
CA GLN A 308 3.68 6.59 36.82
C GLN A 308 2.79 7.60 36.13
N GLN A 309 3.36 8.63 35.52
CA GLN A 309 2.58 9.55 34.71
C GLN A 309 2.14 8.88 33.40
N VAL A 310 3.07 8.24 32.70
CA VAL A 310 2.78 7.83 31.33
C VAL A 310 1.83 6.64 31.29
N VAL A 311 1.87 5.77 32.31
CA VAL A 311 0.89 4.70 32.38
C VAL A 311 -0.49 5.25 32.70
N LYS A 312 -0.57 6.45 33.26
CA LYS A 312 -1.84 7.12 33.45
C LYS A 312 -2.20 8.03 32.28
N LEU A 313 -1.24 8.37 31.44
CA LEU A 313 -1.47 9.25 30.30
C LEU A 313 -1.87 8.50 29.04
N LYS A 314 -1.89 7.17 29.09
CA LYS A 314 -2.42 6.29 28.05
C LYS A 314 -2.16 6.78 26.63
N GLY A 315 -0.91 6.71 26.18
CA GLY A 315 -0.54 7.02 24.81
C GLY A 315 0.25 8.31 24.66
N GLN A 316 0.02 9.29 25.52
CA GLN A 316 0.72 10.56 25.43
C GLN A 316 2.18 10.41 25.86
N VAL A 317 3.04 11.22 25.24
CA VAL A 317 4.48 11.15 25.48
C VAL A 317 4.85 12.12 26.60
N LEU A 318 5.70 11.65 27.51
CA LEU A 318 6.24 12.46 28.60
C LEU A 318 7.75 12.24 28.64
N SER A 319 8.50 13.32 28.84
CA SER A 319 9.95 13.27 28.84
C SER A 319 10.49 13.54 30.23
N VAL A 320 11.57 12.86 30.59
CA VAL A 320 12.25 13.05 31.86
C VAL A 320 13.76 13.01 31.61
N MET A 321 14.50 13.76 32.41
CA MET A 321 15.95 13.84 32.27
C MET A 321 16.59 13.44 33.60
N PHE A 322 17.46 12.43 33.56
CA PHE A 322 18.06 11.87 34.76
C PHE A 322 19.49 11.43 34.46
N ARG A 323 20.21 11.05 35.50
CA ARG A 323 21.60 10.62 35.36
C ARG A 323 21.62 9.10 35.24
N PHE A 324 21.82 8.62 34.01
CA PHE A 324 21.96 7.21 33.71
C PHE A 324 23.36 6.73 34.09
N ARG A 325 23.42 5.54 34.68
CA ARG A 325 24.70 4.94 35.09
C ARG A 325 25.30 4.24 33.88
N SER A 326 26.31 4.86 33.27
CA SER A 326 27.00 4.25 32.15
C SER A 326 27.92 3.13 32.64
N LYS A 327 28.65 2.52 31.71
CA LYS A 327 29.61 1.48 32.06
C LYS A 327 31.05 1.97 32.08
N THR A 328 31.34 3.13 31.46
CA THR A 328 32.69 3.70 31.49
C THR A 328 32.75 5.20 31.68
N ARG A 329 31.69 5.97 31.42
CA ARG A 329 31.75 7.42 31.51
C ARG A 329 31.00 7.96 32.72
N GLU A 330 30.82 7.13 33.74
CA GLU A 330 30.14 7.51 34.99
C GLU A 330 28.68 7.91 34.73
N TRP A 331 28.25 9.09 35.16
CA TRP A 331 26.83 9.45 35.15
C TRP A 331 26.60 10.31 33.91
N LEU A 332 25.79 9.79 32.99
CA LEU A 332 25.44 10.47 31.75
C LEU A 332 24.07 11.10 31.88
N TRP A 333 23.96 12.38 31.53
CA TRP A 333 22.63 12.99 31.46
C TRP A 333 21.86 12.38 30.31
N MET A 334 20.63 11.95 30.58
CA MET A 334 19.85 11.17 29.62
C MET A 334 18.41 11.66 29.64
N ARG A 335 17.87 11.90 28.45
CA ARG A 335 16.47 12.25 28.28
C ARG A 335 15.72 11.03 27.76
N THR A 336 14.78 10.53 28.55
CA THR A 336 13.93 9.42 28.17
C THR A 336 12.53 9.96 27.91
N SER A 337 12.07 9.80 26.67
CA SER A 337 10.71 10.15 26.27
C SER A 337 9.91 8.85 26.16
N SER A 338 8.83 8.76 26.93
CA SER A 338 8.09 7.51 27.06
C SER A 338 6.62 7.72 26.75
N PHE A 339 5.99 6.64 26.31
CA PHE A 339 4.54 6.57 26.15
C PHE A 339 4.14 5.11 26.20
N THR A 340 2.92 4.87 26.66
CA THR A 340 2.40 3.51 26.74
C THR A 340 1.82 3.09 25.40
N PHE A 341 2.11 1.85 25.00
CA PHE A 341 1.51 1.27 23.81
C PHE A 341 0.16 0.69 24.19
N GLN A 342 -0.91 1.26 23.64
CA GLN A 342 -2.26 0.78 23.91
C GLN A 342 -2.63 -0.29 22.89
N ASN A 343 -3.15 -1.41 23.38
CA ASN A 343 -3.69 -2.43 22.49
C ASN A 343 -4.82 -1.82 21.66
N PRO A 344 -4.71 -1.80 20.33
CA PRO A 344 -5.74 -1.11 19.53
C PRO A 344 -7.14 -1.65 19.73
N TYR A 345 -7.30 -2.86 20.27
CA TYR A 345 -8.62 -3.45 20.52
C TYR A 345 -9.00 -3.38 21.99
N SER A 346 -8.22 -4.04 22.86
CA SER A 346 -8.57 -4.16 24.27
C SER A 346 -8.17 -2.93 25.08
N ASP A 347 -7.42 -1.99 24.50
CA ASP A 347 -6.93 -0.80 25.19
C ASP A 347 -6.08 -1.14 26.41
N GLU A 348 -5.59 -2.36 26.50
CA GLU A 348 -4.66 -2.71 27.56
C GLU A 348 -3.25 -2.21 27.22
N ILE A 349 -2.43 -2.09 28.25
CA ILE A 349 -1.06 -1.61 28.08
C ILE A 349 -0.19 -2.78 27.66
N GLU A 350 0.26 -2.78 26.40
CA GLU A 350 1.18 -3.82 25.95
C GLU A 350 2.55 -3.64 26.56
N TYR A 351 3.08 -2.43 26.50
CA TYR A 351 4.36 -2.07 27.10
C TYR A 351 4.50 -0.56 27.06
N ILE A 352 5.58 -0.05 27.64
CA ILE A 352 5.97 1.35 27.54
C ILE A 352 7.15 1.44 26.60
N ILE A 353 7.09 2.37 25.66
CA ILE A 353 8.15 2.58 24.67
C ILE A 353 8.90 3.84 25.04
N CYS A 354 10.22 3.75 25.11
CA CYS A 354 11.07 4.86 25.51
C CYS A 354 12.14 5.12 24.46
N THR A 355 12.41 6.40 24.20
CA THR A 355 13.55 6.83 23.42
C THR A 355 14.56 7.45 24.38
N ASN A 356 15.66 6.75 24.61
CA ASN A 356 16.67 7.15 25.57
C ASN A 356 17.80 7.84 24.82
N THR A 357 17.93 9.16 25.03
CA THR A 357 18.85 10.00 24.28
C THR A 357 19.83 10.67 25.24
N ASN A 358 21.11 10.57 24.92
CA ASN A 358 22.13 11.30 25.67
C ASN A 358 21.96 12.79 25.44
N VAL A 359 21.63 13.52 26.49
CA VAL A 359 21.47 14.97 26.40
C VAL A 359 22.83 15.62 26.13
N ASP B 17 -46.27 23.47 -31.29
CA ASP B 17 -46.03 22.05 -31.49
C ASP B 17 -44.70 21.83 -32.24
N ALA B 18 -44.09 22.93 -32.69
CA ALA B 18 -42.72 22.85 -33.17
C ALA B 18 -41.72 22.67 -32.04
N ALA B 19 -42.14 22.92 -30.80
CA ALA B 19 -41.25 22.75 -29.65
C ALA B 19 -40.84 21.29 -29.50
N ARG B 20 -41.80 20.37 -29.54
CA ARG B 20 -41.44 18.96 -29.43
C ARG B 20 -40.77 18.43 -30.70
N SER B 21 -41.00 19.05 -31.86
CA SER B 21 -40.23 18.71 -33.04
C SER B 21 -38.75 19.02 -32.83
N ARG B 22 -38.46 20.23 -32.33
CA ARG B 22 -37.08 20.55 -31.98
C ARG B 22 -36.58 19.65 -30.86
N ARG B 23 -37.44 19.22 -29.95
CA ARG B 23 -37.03 18.34 -28.86
C ARG B 23 -36.59 16.98 -29.39
N SER B 24 -37.35 16.43 -30.33
CA SER B 24 -36.95 15.19 -30.99
C SER B 24 -35.66 15.39 -31.76
N GLN B 25 -35.49 16.54 -32.39
CA GLN B 25 -34.21 16.86 -33.02
C GLN B 25 -33.07 16.78 -32.00
N GLU B 26 -33.27 17.41 -30.83
CA GLU B 26 -32.23 17.46 -29.80
C GLU B 26 -31.83 16.07 -29.32
N THR B 27 -32.81 15.21 -29.03
CA THR B 27 -32.37 13.93 -28.50
C THR B 27 -32.01 12.92 -29.60
N GLU B 28 -32.45 13.13 -30.85
CA GLU B 28 -31.85 12.41 -31.95
C GLU B 28 -30.35 12.71 -32.04
N VAL B 29 -29.99 13.98 -31.92
CA VAL B 29 -28.58 14.32 -32.00
C VAL B 29 -27.82 13.96 -30.72
N LEU B 30 -28.50 13.83 -29.57
CA LEU B 30 -27.82 13.27 -28.40
C LEU B 30 -27.61 11.77 -28.51
N TYR B 31 -28.52 11.04 -29.17
CA TYR B 31 -28.27 9.63 -29.45
C TYR B 31 -27.15 9.47 -30.47
N GLN B 32 -27.08 10.39 -31.44
CA GLN B 32 -25.91 10.51 -32.30
C GLN B 32 -24.64 10.62 -31.47
N LEU B 33 -24.61 11.60 -30.55
CA LEU B 33 -23.50 11.76 -29.61
C LEU B 33 -23.19 10.45 -28.89
N ALA B 34 -24.22 9.73 -28.45
CA ALA B 34 -24.03 8.44 -27.82
C ALA B 34 -23.25 7.49 -28.71
N HIS B 35 -23.67 7.40 -29.98
CA HIS B 35 -22.95 6.56 -30.93
C HIS B 35 -21.52 7.04 -31.15
N THR B 36 -21.23 8.30 -30.84
CA THR B 36 -19.86 8.80 -30.94
C THR B 36 -18.97 8.42 -29.75
N LEU B 37 -19.48 7.68 -28.77
CA LEU B 37 -18.70 7.38 -27.58
C LEU B 37 -17.79 6.16 -27.80
N PRO B 38 -16.66 6.08 -27.08
CA PRO B 38 -15.68 5.00 -27.33
C PRO B 38 -16.06 3.68 -26.64
N PHE B 39 -17.26 3.19 -26.94
CA PHE B 39 -17.73 1.95 -26.38
C PHE B 39 -18.24 1.05 -27.50
N ALA B 40 -18.45 -0.21 -27.16
CA ALA B 40 -18.80 -1.21 -28.19
C ALA B 40 -20.16 -0.93 -28.84
N ARG B 41 -20.35 -1.61 -29.98
CA ARG B 41 -21.56 -1.57 -30.82
C ARG B 41 -22.74 -2.14 -30.05
N GLY B 42 -23.68 -1.30 -29.63
CA GLY B 42 -24.85 -1.77 -28.90
C GLY B 42 -24.89 -1.27 -27.47
N VAL B 43 -23.74 -0.91 -26.91
CA VAL B 43 -23.64 -0.39 -25.56
C VAL B 43 -24.37 0.94 -25.45
N SER B 44 -24.48 1.66 -26.57
CA SER B 44 -25.27 2.89 -26.64
C SER B 44 -26.68 2.69 -26.07
N ALA B 45 -27.32 1.57 -26.40
CA ALA B 45 -28.75 1.39 -26.15
C ALA B 45 -29.09 1.06 -24.72
N HIS B 46 -28.10 0.88 -23.84
CA HIS B 46 -28.33 0.67 -22.42
C HIS B 46 -28.11 1.95 -21.61
N LEU B 47 -27.94 3.08 -22.28
CA LEU B 47 -27.66 4.35 -21.63
C LEU B 47 -28.91 5.23 -21.59
N ASP B 48 -28.88 6.20 -20.67
CA ASP B 48 -29.86 7.27 -20.62
C ASP B 48 -29.17 8.59 -20.93
N LYS B 49 -29.98 9.58 -21.32
CA LYS B 49 -29.44 10.87 -21.78
C LYS B 49 -28.45 11.46 -20.77
N ALA B 50 -28.76 11.35 -19.48
CA ALA B 50 -27.88 11.90 -18.46
C ALA B 50 -26.51 11.22 -18.48
N SER B 51 -26.50 9.88 -18.53
CA SER B 51 -25.24 9.15 -18.53
C SER B 51 -24.49 9.35 -19.84
N ILE B 52 -25.22 9.43 -20.95
CA ILE B 52 -24.59 9.77 -22.24
C ILE B 52 -23.83 11.07 -22.12
N MET B 53 -24.52 12.12 -21.64
CA MET B 53 -23.87 13.41 -21.42
C MET B 53 -22.63 13.26 -20.55
N ARG B 54 -22.81 12.69 -19.35
CA ARG B 54 -21.73 12.57 -18.37
C ARG B 54 -20.50 11.88 -18.97
N LEU B 55 -20.72 10.77 -19.67
CA LEU B 55 -19.60 10.05 -20.28
C LEU B 55 -18.92 10.89 -21.33
N THR B 56 -19.68 11.68 -22.10
CA THR B 56 -19.06 12.57 -23.07
C THR B 56 -18.21 13.64 -22.38
N ILE B 57 -18.76 14.27 -21.34
CA ILE B 57 -18.02 15.26 -20.55
C ILE B 57 -16.68 14.68 -20.12
N SER B 58 -16.73 13.48 -19.53
CA SER B 58 -15.52 12.91 -18.96
C SER B 58 -14.55 12.42 -20.02
N TYR B 59 -15.05 11.93 -21.17
CA TYR B 59 -14.17 11.59 -22.27
C TYR B 59 -13.40 12.82 -22.74
N LEU B 60 -14.08 13.94 -22.88
CA LEU B 60 -13.40 15.17 -23.30
C LEU B 60 -12.39 15.63 -22.26
N ARG B 61 -12.74 15.54 -20.97
CA ARG B 61 -11.81 15.98 -19.93
C ARG B 61 -10.58 15.08 -19.86
N MET B 62 -10.77 13.77 -19.98
CA MET B 62 -9.63 12.86 -19.98
C MET B 62 -8.78 13.03 -21.23
N HIS B 63 -9.40 13.37 -22.37
CA HIS B 63 -8.62 13.66 -23.57
C HIS B 63 -7.81 14.94 -23.40
N ARG B 64 -8.40 15.95 -22.76
CA ARG B 64 -7.67 17.18 -22.47
C ARG B 64 -6.49 16.90 -21.52
N LEU B 65 -6.70 16.02 -20.55
CA LEU B 65 -5.61 15.69 -19.62
C LEU B 65 -4.51 14.91 -20.32
N CYS B 66 -4.87 13.89 -21.09
CA CYS B 66 -3.87 13.09 -21.80
C CYS B 66 -3.13 13.91 -22.84
N ALA B 67 -3.77 14.93 -23.40
CA ALA B 67 -3.08 15.82 -24.33
C ALA B 67 -1.97 16.61 -23.65
N ALA B 68 -2.06 16.80 -22.33
CA ALA B 68 -1.00 17.50 -21.61
C ALA B 68 0.23 16.63 -21.38
N GLY B 69 0.11 15.32 -21.54
CA GLY B 69 1.27 14.46 -21.38
C GLY B 69 2.24 14.63 -22.54
N GLU B 70 3.52 14.74 -22.22
CA GLU B 70 4.56 14.98 -23.22
C GLU B 70 5.10 13.63 -23.69
N TRP B 71 4.42 13.05 -24.66
CA TRP B 71 4.85 11.79 -25.27
C TRP B 71 4.18 11.59 -26.62
N PRO B 80 1.98 -1.48 -28.80
CA PRO B 80 2.43 -2.87 -28.98
C PRO B 80 2.45 -3.63 -27.65
N LEU B 81 3.41 -3.32 -26.79
CA LEU B 81 3.44 -3.85 -25.44
C LEU B 81 2.67 -2.99 -24.45
N ASP B 82 1.99 -1.93 -24.94
CA ASP B 82 1.31 -1.00 -24.05
C ASP B 82 0.19 -1.68 -23.25
N ALA B 83 -0.49 -2.66 -23.85
CA ALA B 83 -1.61 -3.29 -23.19
C ALA B 83 -1.20 -4.27 -22.09
N CYS B 84 0.09 -4.58 -21.97
CA CYS B 84 0.54 -5.44 -20.89
C CYS B 84 0.41 -4.75 -19.53
N TYR B 85 0.57 -3.42 -19.51
CA TYR B 85 0.68 -2.69 -18.25
C TYR B 85 -0.56 -2.88 -17.39
N LEU B 86 -1.73 -2.51 -17.92
CA LEU B 86 -2.96 -2.78 -17.18
C LEU B 86 -3.13 -4.27 -16.89
N LYS B 87 -2.69 -5.12 -17.83
CA LYS B 87 -2.76 -6.56 -17.59
C LYS B 87 -1.83 -6.98 -16.47
N ALA B 88 -0.70 -6.28 -16.30
CA ALA B 88 0.26 -6.67 -15.27
C ALA B 88 -0.19 -6.27 -13.88
N LEU B 89 -0.97 -5.19 -13.77
CA LEU B 89 -1.46 -4.76 -12.46
C LEU B 89 -2.54 -5.70 -11.95
N GLU B 90 -2.72 -5.70 -10.63
CA GLU B 90 -3.80 -6.44 -10.00
C GLU B 90 -5.04 -5.56 -9.81
N GLY B 91 -4.86 -4.38 -9.23
CA GLY B 91 -5.94 -3.46 -9.00
C GLY B 91 -6.28 -2.65 -10.23
N PHE B 92 -7.02 -1.58 -10.02
CA PHE B 92 -7.44 -0.69 -11.10
C PHE B 92 -6.87 0.71 -10.90
N VAL B 93 -6.79 1.45 -12.01
CA VAL B 93 -6.29 2.81 -11.99
C VAL B 93 -7.46 3.76 -11.77
N MET B 94 -7.26 4.76 -10.91
CA MET B 94 -8.27 5.78 -10.67
C MET B 94 -7.63 7.16 -10.68
N VAL B 95 -8.24 8.09 -11.40
CA VAL B 95 -7.83 9.48 -11.42
C VAL B 95 -8.93 10.30 -10.76
N LEU B 96 -8.58 10.95 -9.65
CA LEU B 96 -9.48 11.79 -8.88
C LEU B 96 -9.06 13.26 -9.01
N THR B 97 -10.04 14.13 -9.24
CA THR B 97 -9.78 15.56 -9.33
C THR B 97 -9.54 16.14 -7.93
N ALA B 98 -9.26 17.44 -7.89
CA ALA B 98 -9.08 18.11 -6.61
C ALA B 98 -10.39 18.19 -5.82
N GLU B 99 -11.52 18.23 -6.52
CA GLU B 99 -12.84 18.27 -5.90
C GLU B 99 -13.41 16.88 -5.70
N GLY B 100 -12.57 15.85 -5.68
CA GLY B 100 -13.03 14.49 -5.43
C GLY B 100 -13.84 13.88 -6.55
N ASP B 101 -13.66 14.33 -7.79
CA ASP B 101 -14.42 13.81 -8.91
C ASP B 101 -13.68 12.65 -9.56
N MET B 102 -14.35 11.51 -9.68
CA MET B 102 -13.75 10.36 -10.34
C MET B 102 -13.54 10.64 -11.81
N ALA B 103 -12.40 11.27 -12.14
CA ALA B 103 -12.13 11.63 -13.53
C ALA B 103 -11.95 10.39 -14.40
N TYR B 104 -11.27 9.37 -13.88
CA TYR B 104 -11.08 8.18 -14.71
C TYR B 104 -11.01 6.91 -13.87
N LEU B 105 -11.51 5.82 -14.44
CA LEU B 105 -11.38 4.48 -13.89
C LEU B 105 -11.21 3.49 -15.03
N SER B 106 -10.27 2.57 -14.88
CA SER B 106 -10.03 1.57 -15.91
C SER B 106 -11.19 0.57 -15.96
N GLU B 107 -11.15 -0.27 -17.00
CA GLU B 107 -12.20 -1.26 -17.20
C GLU B 107 -12.22 -2.29 -16.07
N ASN B 108 -11.03 -2.79 -15.68
CA ASN B 108 -10.93 -3.89 -14.73
C ASN B 108 -11.48 -3.52 -13.36
N VAL B 109 -11.91 -2.27 -13.17
CA VAL B 109 -12.61 -1.91 -11.94
C VAL B 109 -13.86 -2.74 -11.78
N SER B 110 -14.48 -3.14 -12.89
CA SER B 110 -15.66 -4.01 -12.81
C SER B 110 -15.32 -5.34 -12.16
N LYS B 111 -14.07 -5.80 -12.30
CA LYS B 111 -13.66 -7.04 -11.67
C LYS B 111 -13.44 -6.89 -10.17
N HIS B 112 -13.33 -5.66 -9.67
CA HIS B 112 -13.07 -5.44 -8.24
C HIS B 112 -14.27 -4.89 -7.49
N LEU B 113 -15.12 -4.10 -8.13
CA LEU B 113 -16.29 -3.53 -7.49
C LEU B 113 -17.60 -3.91 -8.14
N GLY B 114 -17.58 -4.62 -9.27
CA GLY B 114 -18.81 -4.90 -9.99
C GLY B 114 -19.31 -3.73 -10.81
N LEU B 115 -19.33 -2.54 -10.21
CA LEU B 115 -19.67 -1.33 -10.96
C LEU B 115 -18.65 -1.10 -12.07
N SER B 116 -19.14 -0.99 -13.30
CA SER B 116 -18.26 -0.77 -14.42
C SER B 116 -17.85 0.70 -14.50
N GLN B 117 -16.90 0.99 -15.40
CA GLN B 117 -16.54 2.37 -15.66
C GLN B 117 -17.68 3.14 -16.30
N LEU B 118 -18.59 2.43 -16.98
CA LEU B 118 -19.73 3.09 -17.62
C LEU B 118 -20.61 3.80 -16.61
N GLU B 119 -20.64 3.33 -15.37
CA GLU B 119 -21.52 3.88 -14.33
C GLU B 119 -20.75 4.65 -13.26
N LEU B 120 -19.45 4.89 -13.44
CA LEU B 120 -18.66 5.48 -12.38
C LEU B 120 -17.91 6.73 -12.84
N ILE B 121 -17.47 6.76 -14.09
CA ILE B 121 -16.70 7.90 -14.59
C ILE B 121 -17.59 9.14 -14.60
N GLY B 122 -17.15 10.19 -13.92
CA GLY B 122 -17.92 11.42 -13.86
C GLY B 122 -18.56 11.67 -12.51
N HIS B 123 -18.98 10.61 -11.83
CA HIS B 123 -19.59 10.76 -10.52
C HIS B 123 -18.51 11.09 -9.48
N SER B 124 -18.95 11.53 -8.31
CA SER B 124 -18.05 11.90 -7.24
C SER B 124 -17.66 10.67 -6.42
N ILE B 125 -16.40 10.65 -5.98
CA ILE B 125 -15.92 9.53 -5.18
C ILE B 125 -16.60 9.47 -3.83
N PHE B 126 -17.03 10.62 -3.30
CA PHE B 126 -17.68 10.65 -1.99
C PHE B 126 -19.07 10.03 -2.02
N ASP B 127 -19.65 9.83 -3.20
CA ASP B 127 -20.90 9.11 -3.32
C ASP B 127 -20.72 7.60 -3.33
N PHE B 128 -19.48 7.11 -3.28
CA PHE B 128 -19.22 5.68 -3.38
C PHE B 128 -18.24 5.17 -2.32
N ILE B 129 -17.86 5.99 -1.36
CA ILE B 129 -16.94 5.55 -0.31
C ILE B 129 -17.63 5.66 1.04
N HIS B 130 -17.10 4.91 2.00
CA HIS B 130 -17.66 4.87 3.34
C HIS B 130 -17.59 6.25 3.98
N PRO B 131 -18.63 6.68 4.69
CA PRO B 131 -18.64 8.05 5.24
C PRO B 131 -17.52 8.37 6.22
N CYS B 132 -16.98 7.36 6.93
CA CYS B 132 -15.89 7.61 7.86
C CYS B 132 -14.52 7.50 7.20
N ASP B 133 -14.45 7.40 5.89
CA ASP B 133 -13.20 7.44 5.15
C ASP B 133 -13.05 8.70 4.32
N GLN B 134 -14.07 9.56 4.28
CA GLN B 134 -14.03 10.76 3.46
C GLN B 134 -13.03 11.77 4.00
N GLU B 135 -12.87 11.85 5.33
CA GLU B 135 -11.86 12.73 5.90
C GLU B 135 -10.46 12.31 5.45
N GLU B 136 -10.16 11.01 5.55
CA GLU B 136 -8.88 10.50 5.10
C GLU B 136 -8.66 10.79 3.61
N LEU B 137 -9.70 10.60 2.82
CA LEU B 137 -9.54 10.88 1.39
C LEU B 137 -9.18 12.35 1.20
N GLN B 138 -9.95 13.25 1.80
CA GLN B 138 -9.71 14.70 1.62
C GLN B 138 -8.33 15.09 2.17
N ASP B 139 -7.89 14.48 3.26
CA ASP B 139 -6.51 14.80 3.69
C ASP B 139 -5.55 14.33 2.61
N ALA B 140 -5.84 13.23 1.93
CA ALA B 140 -4.96 12.75 0.87
C ALA B 140 -5.05 13.61 -0.38
N LEU B 141 -6.17 14.33 -0.55
CA LEU B 141 -6.35 15.19 -1.72
C LEU B 141 -5.69 16.55 -1.57
N THR B 142 -5.23 16.91 -0.36
CA THR B 142 -4.59 18.20 -0.15
C THR B 142 -3.07 18.05 -0.10
N LEU B 152 9.23 9.92 6.07
CA LEU B 152 9.16 8.54 5.60
C LEU B 152 8.53 8.46 4.22
N GLU B 153 7.62 9.39 3.94
CA GLU B 153 7.00 9.53 2.64
C GLU B 153 7.59 10.71 1.89
N ALA B 154 7.58 10.62 0.57
CA ALA B 154 7.99 11.82 -0.15
C ALA B 154 6.80 12.75 -0.35
N PRO B 155 7.04 14.07 -0.26
CA PRO B 155 5.96 15.07 -0.27
C PRO B 155 4.70 14.76 -1.07
N THR B 156 4.81 14.11 -2.24
CA THR B 156 3.66 13.95 -3.12
C THR B 156 3.29 12.49 -3.39
N GLU B 157 3.84 11.54 -2.63
CA GLU B 157 3.37 10.16 -2.71
C GLU B 157 2.26 9.93 -1.69
N ARG B 158 1.26 9.16 -2.09
CA ARG B 158 0.06 8.94 -1.28
C ARG B 158 -0.15 7.45 -1.06
N HIS B 159 -0.44 7.07 0.19
CA HIS B 159 -0.77 5.72 0.58
C HIS B 159 -1.95 5.78 1.53
N PHE B 160 -3.09 5.20 1.14
CA PHE B 160 -4.23 5.20 2.05
C PHE B 160 -5.16 4.04 1.75
N SER B 161 -5.90 3.62 2.77
CA SER B 161 -6.92 2.60 2.65
C SER B 161 -8.29 3.25 2.49
N LEU B 162 -9.12 2.65 1.65
CA LEU B 162 -10.41 3.22 1.30
C LEU B 162 -11.45 2.11 1.31
N ARG B 163 -12.70 2.47 1.64
CA ARG B 163 -13.81 1.52 1.55
C ARG B 163 -14.75 2.02 0.46
N MET B 164 -14.82 1.29 -0.65
CA MET B 164 -15.66 1.67 -1.77
C MET B 164 -16.85 0.72 -1.89
N LYS B 165 -17.91 1.24 -2.51
CA LYS B 165 -19.10 0.42 -2.75
C LYS B 165 -18.78 -0.63 -3.81
N SER B 166 -19.17 -1.87 -3.55
CA SER B 166 -19.01 -2.94 -4.53
C SER B 166 -20.23 -3.83 -4.50
N THR B 167 -20.69 -4.21 -5.69
CA THR B 167 -21.86 -5.05 -5.89
C THR B 167 -21.48 -6.49 -6.17
N LEU B 168 -20.28 -6.91 -5.80
CA LEU B 168 -19.77 -8.22 -6.12
C LEU B 168 -19.90 -9.18 -4.94
N THR B 169 -20.17 -10.44 -5.27
CA THR B 169 -20.12 -11.53 -4.30
C THR B 169 -19.35 -12.70 -4.90
N SER B 170 -19.38 -13.86 -4.24
CA SER B 170 -18.72 -15.04 -4.79
C SER B 170 -19.39 -15.57 -6.04
N ARG B 171 -20.55 -15.03 -6.42
CA ARG B 171 -21.29 -15.46 -7.60
C ARG B 171 -21.25 -14.45 -8.73
N GLY B 172 -20.58 -13.32 -8.55
CA GLY B 172 -20.56 -12.25 -9.51
C GLY B 172 -21.28 -11.02 -9.01
N ARG B 173 -21.71 -10.19 -9.95
CA ARG B 173 -22.44 -8.96 -9.62
C ARG B 173 -23.87 -9.34 -9.30
N THR B 174 -24.11 -9.71 -8.04
CA THR B 174 -25.41 -10.18 -7.59
C THR B 174 -26.11 -9.18 -6.68
N LEU B 175 -25.46 -8.09 -6.32
CA LEU B 175 -26.05 -7.09 -5.43
C LEU B 175 -26.50 -5.88 -6.23
N ASN B 176 -27.72 -5.44 -6.00
CA ASN B 176 -28.13 -4.14 -6.51
C ASN B 176 -27.53 -3.06 -5.63
N LEU B 177 -27.33 -1.88 -6.23
CA LEU B 177 -26.43 -0.87 -5.67
C LEU B 177 -26.72 -0.54 -4.21
N LYS B 178 -27.98 -0.63 -3.80
CA LYS B 178 -28.35 -0.17 -2.47
C LYS B 178 -28.04 -1.18 -1.39
N ALA B 179 -27.85 -2.44 -1.76
CA ALA B 179 -27.32 -3.46 -0.87
C ALA B 179 -25.84 -3.73 -1.13
N ALA B 180 -25.14 -2.80 -1.77
CA ALA B 180 -23.72 -2.96 -2.04
C ALA B 180 -22.94 -3.02 -0.73
N THR B 181 -21.86 -3.79 -0.74
CA THR B 181 -21.02 -3.93 0.43
C THR B 181 -19.81 -3.03 0.32
N TRP B 182 -19.07 -2.93 1.44
CA TRP B 182 -17.87 -2.12 1.49
C TRP B 182 -16.66 -3.00 1.21
N LYS B 183 -15.91 -2.65 0.17
CA LYS B 183 -14.68 -3.35 -0.17
C LYS B 183 -13.49 -2.47 0.17
N VAL B 184 -12.53 -3.03 0.90
CA VAL B 184 -11.33 -2.31 1.29
C VAL B 184 -10.33 -2.34 0.14
N LEU B 185 -9.84 -1.17 -0.25
CA LEU B 185 -8.86 -1.01 -1.31
C LEU B 185 -7.65 -0.29 -0.74
N HIS B 186 -6.47 -0.89 -0.94
CA HIS B 186 -5.20 -0.22 -0.68
C HIS B 186 -4.85 0.60 -1.91
N CYS B 187 -4.85 1.92 -1.77
CA CYS B 187 -4.61 2.83 -2.89
C CYS B 187 -3.29 3.56 -2.66
N SER B 188 -2.43 3.48 -3.67
CA SER B 188 -1.14 4.18 -3.62
C SER B 188 -0.95 4.90 -4.95
N GLY B 189 -0.43 6.12 -4.88
CA GLY B 189 -0.27 6.88 -6.10
C GLY B 189 0.42 8.20 -5.88
N HIS B 190 0.22 9.10 -6.83
CA HIS B 190 0.92 10.37 -6.84
C HIS B 190 -0.06 11.50 -7.15
N MET B 191 0.25 12.64 -6.56
CA MET B 191 -0.47 13.90 -6.82
C MET B 191 0.28 14.57 -7.98
N ARG B 192 -0.36 14.61 -9.14
CA ARG B 192 0.25 15.20 -10.36
C ARG B 192 -0.58 16.42 -10.77
N ALA B 193 0.04 17.58 -10.84
CA ALA B 193 -0.72 18.78 -11.24
C ALA B 193 -0.32 19.24 -12.62
N TYR B 194 -1.13 19.04 -13.65
CA TYR B 194 -0.74 19.55 -14.99
C TYR B 194 -1.94 20.02 -15.81
N GLN B 213 -4.59 19.21 -12.44
CA GLN B 213 -4.27 18.95 -11.02
C GLN B 213 -4.92 17.64 -10.53
N CYS B 214 -4.17 16.52 -10.46
CA CYS B 214 -4.85 15.26 -10.09
C CYS B 214 -4.14 14.44 -9.01
N LEU B 215 -4.83 13.36 -8.64
CA LEU B 215 -4.33 12.28 -7.74
C LEU B 215 -4.62 11.00 -8.50
N VAL B 216 -3.59 10.38 -9.03
CA VAL B 216 -3.72 9.13 -9.77
C VAL B 216 -3.21 7.99 -8.89
N LEU B 217 -4.06 6.98 -8.73
CA LEU B 217 -3.86 5.89 -7.79
C LEU B 217 -3.95 4.56 -8.52
N ILE B 218 -3.16 3.60 -8.04
CA ILE B 218 -3.43 2.18 -8.22
C ILE B 218 -4.15 1.72 -6.95
N CYS B 219 -5.36 1.20 -7.12
CA CYS B 219 -6.17 0.72 -6.00
C CYS B 219 -6.31 -0.79 -6.13
N GLU B 220 -5.82 -1.51 -5.12
CA GLU B 220 -5.78 -2.97 -5.15
C GLU B 220 -6.64 -3.53 -4.02
N ALA B 221 -7.19 -4.71 -4.25
CA ALA B 221 -7.96 -5.41 -3.24
C ALA B 221 -7.05 -6.27 -2.39
N ILE B 222 -7.44 -6.47 -1.13
CA ILE B 222 -6.76 -7.38 -0.23
C ILE B 222 -7.47 -8.73 -0.31
N PRO B 223 -6.79 -9.79 -0.73
CA PRO B 223 -7.46 -11.08 -0.91
C PRO B 223 -7.98 -11.63 0.42
N HIS B 224 -9.16 -12.24 0.35
CA HIS B 224 -9.74 -12.88 1.52
CA HIS B 224 -9.75 -12.89 1.53
C HIS B 224 -9.22 -14.31 1.63
N PRO B 225 -8.56 -14.68 2.73
CA PRO B 225 -7.97 -16.02 2.89
C PRO B 225 -9.02 -17.13 2.96
N ALA B 236 -0.41 -18.55 1.73
CA ALA B 236 0.08 -19.85 2.16
C ALA B 236 0.42 -19.85 3.65
N PHE B 237 1.42 -19.06 4.03
CA PHE B 237 1.80 -18.95 5.44
C PHE B 237 0.75 -18.09 6.15
N LEU B 238 -0.01 -18.71 7.04
CA LEU B 238 -1.06 -18.02 7.76
C LEU B 238 -0.75 -17.97 9.26
N SER B 239 -1.33 -16.96 9.90
CA SER B 239 -1.41 -16.90 11.35
C SER B 239 -2.81 -16.43 11.72
N ARG B 240 -3.32 -16.94 12.83
CA ARG B 240 -4.67 -16.63 13.29
C ARG B 240 -4.58 -16.07 14.70
N HIS B 241 -5.25 -14.95 14.92
CA HIS B 241 -5.22 -14.23 16.19
C HIS B 241 -6.63 -13.88 16.63
N SER B 242 -6.78 -13.61 17.92
CA SER B 242 -7.98 -12.95 18.41
C SER B 242 -7.84 -11.45 18.13
N LEU B 243 -8.89 -10.69 18.47
CA LEU B 243 -8.89 -9.26 18.15
C LEU B 243 -7.81 -8.50 18.91
N ASP B 244 -7.31 -9.04 20.02
CA ASP B 244 -6.16 -8.47 20.71
C ASP B 244 -4.84 -8.92 20.11
N MET B 245 -4.89 -9.59 18.96
CA MET B 245 -3.71 -10.04 18.20
C MET B 245 -2.89 -11.09 18.95
N LYS B 246 -3.48 -11.79 19.90
CA LYS B 246 -2.81 -12.92 20.54
C LYS B 246 -2.88 -14.12 19.60
N PHE B 247 -1.75 -14.81 19.43
CA PHE B 247 -1.68 -15.96 18.53
C PHE B 247 -2.67 -17.04 18.97
N THR B 248 -3.57 -17.40 18.07
CA THR B 248 -4.35 -18.63 18.22
C THR B 248 -3.83 -19.75 17.32
N TYR B 249 -3.12 -19.40 16.25
CA TYR B 249 -2.55 -20.38 15.35
C TYR B 249 -1.44 -19.70 14.55
N CYS B 250 -0.46 -20.49 14.11
CA CYS B 250 0.56 -19.98 13.21
C CYS B 250 1.12 -21.13 12.39
N ASP B 251 1.42 -20.84 11.12
CA ASP B 251 1.94 -21.84 10.21
C ASP B 251 3.21 -22.49 10.76
N GLU B 252 3.27 -23.77 10.53
CA GLU B 252 4.34 -24.68 11.02
C GLU B 252 5.65 -24.32 10.37
N ARG B 253 5.63 -23.44 9.38
CA ARG B 253 6.87 -23.06 8.67
C ARG B 253 7.63 -21.98 9.43
N ILE B 254 7.07 -21.46 10.51
CA ILE B 254 7.71 -20.47 11.40
C ILE B 254 9.04 -20.98 11.94
N ALA B 255 9.18 -22.29 12.22
CA ALA B 255 10.40 -22.92 12.72
C ALA B 255 11.55 -22.75 11.73
N GLU B 256 11.31 -22.86 10.45
CA GLU B 256 12.45 -22.78 9.54
C GLU B 256 12.62 -21.33 9.12
N VAL B 257 11.65 -20.50 9.47
CA VAL B 257 11.72 -19.10 9.08
C VAL B 257 12.26 -18.24 10.22
N ALA B 258 11.75 -18.46 11.43
CA ALA B 258 12.09 -17.63 12.58
C ALA B 258 12.61 -18.41 13.79
N GLY B 259 12.34 -19.71 13.89
CA GLY B 259 12.84 -20.53 14.98
C GLY B 259 11.80 -20.97 15.99
N TYR B 260 10.57 -20.48 15.90
CA TYR B 260 9.56 -20.68 16.92
C TYR B 260 8.72 -21.93 16.67
N SER B 261 8.51 -22.72 17.69
CA SER B 261 7.50 -23.74 17.55
C SER B 261 6.11 -23.10 17.56
N PRO B 262 5.20 -23.55 16.69
CA PRO B 262 3.85 -22.96 16.67
C PRO B 262 3.14 -23.02 18.01
N ASP B 263 3.40 -24.08 18.80
CA ASP B 263 2.77 -24.18 20.12
C ASP B 263 3.32 -23.13 21.08
N ASP B 264 4.59 -22.74 20.92
CA ASP B 264 5.18 -21.76 21.81
C ASP B 264 4.62 -20.35 21.59
N LEU B 265 4.03 -20.09 20.43
CA LEU B 265 3.48 -18.78 20.14
C LEU B 265 2.04 -18.62 20.59
N ILE B 266 1.30 -19.72 20.73
CA ILE B 266 -0.12 -19.64 21.11
C ILE B 266 -0.24 -18.95 22.46
N GLY B 267 -1.19 -18.01 22.55
CA GLY B 267 -1.38 -17.21 23.75
C GLY B 267 -0.52 -15.97 23.82
N CYS B 268 0.62 -15.94 23.12
CA CYS B 268 1.50 -14.79 23.17
C CYS B 268 0.92 -13.64 22.36
N SER B 269 1.28 -12.42 22.76
CA SER B 269 0.84 -11.23 22.05
C SER B 269 1.78 -10.95 20.89
N ALA B 270 1.21 -10.70 19.71
CA ALA B 270 2.02 -10.49 18.52
C ALA B 270 2.86 -9.23 18.62
N TYR B 271 2.38 -8.23 19.37
CA TYR B 271 3.11 -6.97 19.47
C TYR B 271 4.47 -7.13 20.15
N GLU B 272 4.65 -8.19 20.93
CA GLU B 272 5.95 -8.47 21.54
C GLU B 272 6.98 -8.97 20.53
N TYR B 273 6.55 -9.34 19.32
CA TYR B 273 7.43 -9.96 18.34
C TYR B 273 7.80 -9.02 17.20
N ILE B 274 7.40 -7.75 17.26
CA ILE B 274 7.76 -6.76 16.25
C ILE B 274 8.83 -5.85 16.81
N HIS B 275 9.72 -5.40 15.92
CA HIS B 275 10.73 -4.42 16.30
C HIS B 275 10.05 -3.14 16.75
N ALA B 276 10.60 -2.51 17.80
CA ALA B 276 9.98 -1.30 18.33
C ALA B 276 9.93 -0.20 17.28
N LEU B 277 10.98 -0.10 16.44
CA LEU B 277 11.02 0.90 15.39
C LEU B 277 9.81 0.83 14.46
N ASP B 278 9.13 -0.32 14.40
CA ASP B 278 7.99 -0.49 13.52
C ASP B 278 6.65 -0.39 14.25
N SER B 279 6.65 -0.39 15.58
CA SER B 279 5.41 -0.52 16.36
C SER B 279 4.35 0.45 15.88
N ASP B 280 4.66 1.76 15.90
CA ASP B 280 3.75 2.78 15.40
C ASP B 280 3.07 2.34 14.11
N ALA B 281 3.88 2.04 13.09
CA ALA B 281 3.33 1.61 11.80
C ALA B 281 2.36 0.46 11.99
N VAL B 282 2.83 -0.64 12.58
CA VAL B 282 1.98 -1.79 12.83
C VAL B 282 0.72 -1.36 13.55
N SER B 283 0.88 -0.55 14.60
CA SER B 283 -0.26 -0.04 15.35
C SER B 283 -1.32 0.53 14.40
N ARG B 284 -0.91 1.51 13.58
CA ARG B 284 -1.85 2.12 12.64
C ARG B 284 -2.55 1.06 11.81
N SER B 285 -1.77 0.14 11.24
CA SER B 285 -2.36 -0.91 10.41
C SER B 285 -3.45 -1.65 11.17
N ILE B 286 -3.14 -2.07 12.41
CA ILE B 286 -4.12 -2.82 13.18
C ILE B 286 -5.39 -2.00 13.35
N HIS B 287 -5.25 -0.70 13.62
CA HIS B 287 -6.41 0.16 13.74
C HIS B 287 -7.26 0.08 12.48
N THR B 288 -6.63 0.24 11.32
CA THR B 288 -7.35 0.07 10.06
C THR B 288 -8.01 -1.31 10.02
N LEU B 289 -7.24 -2.36 10.33
CA LEU B 289 -7.77 -3.71 10.34
C LEU B 289 -9.01 -3.81 11.22
N LEU B 290 -9.01 -3.08 12.34
CA LEU B 290 -10.13 -3.17 13.26
C LEU B 290 -11.31 -2.29 12.86
N SER B 291 -11.08 -1.26 12.04
CA SER B 291 -12.14 -0.33 11.70
C SER B 291 -12.72 -0.56 10.31
N LYS B 292 -11.95 -1.17 9.40
CA LYS B 292 -12.41 -1.37 8.03
C LYS B 292 -12.59 -2.84 7.66
N GLY B 293 -12.07 -3.77 8.45
CA GLY B 293 -12.21 -5.18 8.20
C GLY B 293 -10.99 -5.84 7.59
N GLN B 294 -10.20 -5.07 6.83
CA GLN B 294 -8.98 -5.59 6.22
C GLN B 294 -7.90 -4.52 6.27
N ALA B 295 -6.65 -4.97 6.18
CA ALA B 295 -5.52 -4.04 6.20
C ALA B 295 -4.30 -4.72 5.60
N VAL B 296 -3.33 -3.90 5.23
CA VAL B 296 -2.04 -4.39 4.77
C VAL B 296 -0.96 -3.47 5.35
N THR B 297 0.07 -4.07 5.93
CA THR B 297 1.13 -3.32 6.57
C THR B 297 2.23 -2.96 5.56
N GLY B 298 3.13 -2.09 6.00
CA GLY B 298 4.39 -1.92 5.32
C GLY B 298 5.36 -3.00 5.75
N GLN B 299 6.60 -2.87 5.27
CA GLN B 299 7.65 -3.78 5.69
C GLN B 299 7.97 -3.57 7.16
N TYR B 300 7.99 -4.63 7.93
CA TYR B 300 8.33 -4.54 9.35
C TYR B 300 9.18 -5.73 9.75
N ARG B 301 9.84 -5.60 10.90
CA ARG B 301 10.77 -6.59 11.40
C ARG B 301 10.10 -7.48 12.44
N PHE B 302 10.18 -8.78 12.24
CA PHE B 302 9.64 -9.78 13.15
C PHE B 302 10.82 -10.49 13.83
N LEU B 303 10.80 -10.53 15.15
CA LEU B 303 11.93 -11.03 15.91
C LEU B 303 12.00 -12.55 15.84
N ALA B 304 13.19 -13.08 15.54
CA ALA B 304 13.42 -14.51 15.55
C ALA B 304 13.59 -15.00 16.99
N ARG B 305 13.64 -16.32 17.15
CA ARG B 305 13.61 -16.91 18.48
C ARG B 305 14.91 -16.64 19.24
N THR B 306 16.04 -17.09 18.70
CA THR B 306 17.31 -16.96 19.40
C THR B 306 17.93 -15.59 19.27
N GLY B 307 17.44 -14.74 18.39
CA GLY B 307 17.99 -13.41 18.20
C GLY B 307 17.81 -12.96 16.77
N GLY B 308 17.97 -11.66 16.57
CA GLY B 308 17.82 -11.08 15.25
C GLY B 308 16.37 -10.91 14.86
N TYR B 309 16.18 -10.58 13.58
CA TYR B 309 14.85 -10.33 13.05
C TYR B 309 14.85 -10.63 11.55
N LEU B 310 13.65 -10.71 11.00
CA LEU B 310 13.43 -10.89 9.57
C LEU B 310 12.48 -9.82 9.07
N TRP B 311 12.70 -9.38 7.83
CA TRP B 311 11.78 -8.44 7.20
C TRP B 311 10.58 -9.19 6.62
N THR B 312 9.39 -8.64 6.86
CA THR B 312 8.17 -9.30 6.39
C THR B 312 7.10 -8.26 6.16
N GLN B 313 6.08 -8.66 5.39
CA GLN B 313 4.89 -7.87 5.18
C GLN B 313 3.67 -8.74 5.46
N THR B 314 2.54 -8.10 5.78
CA THR B 314 1.39 -8.85 6.24
C THR B 314 0.10 -8.25 5.70
N GLN B 315 -0.77 -9.11 5.19
CA GLN B 315 -2.16 -8.76 4.92
C GLN B 315 -3.02 -9.35 6.03
N ALA B 316 -4.09 -8.65 6.41
CA ALA B 316 -4.90 -9.07 7.55
C ALA B 316 -6.37 -8.86 7.24
N THR B 317 -7.19 -9.81 7.69
CA THR B 317 -8.63 -9.80 7.45
C THR B 317 -9.36 -10.22 8.71
N VAL B 318 -10.39 -9.45 9.08
CA VAL B 318 -11.28 -9.83 10.17
C VAL B 318 -12.33 -10.79 9.63
N VAL B 319 -12.55 -11.90 10.32
CA VAL B 319 -13.43 -12.96 9.84
C VAL B 319 -14.46 -13.30 10.92
N SER B 320 -15.61 -13.78 10.46
CA SER B 320 -16.72 -14.25 11.29
C SER B 320 -17.52 -13.13 11.93
N SER B 327 -16.13 -14.42 18.77
CA SER B 327 -16.97 -14.42 17.58
C SER B 327 -16.17 -14.08 16.34
N GLU B 328 -15.38 -13.00 16.41
CA GLU B 328 -14.61 -12.52 15.28
C GLU B 328 -13.12 -12.76 15.51
N SER B 329 -12.43 -13.21 14.47
CA SER B 329 -11.00 -13.50 14.54
C SER B 329 -10.27 -12.67 13.48
N ILE B 330 -8.94 -12.77 13.52
CA ILE B 330 -8.07 -12.11 12.55
C ILE B 330 -7.22 -13.18 11.87
N ILE B 331 -7.17 -13.14 10.54
CA ILE B 331 -6.31 -14.00 9.75
C ILE B 331 -5.26 -13.13 9.07
N CYS B 332 -4.00 -13.53 9.17
CA CYS B 332 -2.88 -12.78 8.64
C CYS B 332 -2.09 -13.66 7.68
N VAL B 333 -1.90 -13.16 6.46
CA VAL B 333 -1.04 -13.79 5.47
C VAL B 333 0.27 -13.04 5.47
N HIS B 334 1.37 -13.75 5.71
CA HIS B 334 2.69 -13.15 5.85
C HIS B 334 3.58 -13.50 4.66
N PHE B 335 4.30 -12.50 4.17
CA PHE B 335 5.23 -12.65 3.06
C PHE B 335 6.62 -12.27 3.54
N LEU B 336 7.53 -13.24 3.52
CA LEU B 336 8.90 -12.99 3.96
C LEU B 336 9.64 -12.18 2.92
N ILE B 337 10.29 -11.10 3.36
CA ILE B 337 11.05 -10.24 2.48
C ILE B 337 12.54 -10.53 2.54
N SER B 338 13.05 -10.84 3.72
CA SER B 338 14.45 -11.21 3.90
C SER B 338 14.54 -12.34 4.90
N ARG B 339 15.74 -12.92 5.03
CA ARG B 339 15.98 -13.93 6.03
C ARG B 339 16.46 -13.28 7.32
N VAL B 340 16.68 -14.10 8.35
CA VAL B 340 17.04 -13.58 9.67
C VAL B 340 18.32 -12.76 9.56
N GLU B 341 18.25 -11.50 9.95
CA GLU B 341 19.40 -10.62 10.00
C GLU B 341 19.86 -10.44 11.44
N GLU B 342 21.17 -10.30 11.63
CA GLU B 342 21.79 -10.04 12.93
C GLU B 342 21.42 -11.12 13.95
N THR B 343 21.66 -12.37 13.59
CA THR B 343 21.25 -13.47 14.46
C THR B 343 22.06 -13.52 15.75
N GLY B 344 23.29 -13.00 15.76
CA GLY B 344 24.03 -12.93 17.00
C GLY B 344 23.44 -11.95 17.99
N VAL B 345 22.77 -10.92 17.50
CA VAL B 345 22.25 -9.85 18.35
C VAL B 345 20.95 -10.31 19.00
N VAL B 346 20.89 -10.20 20.33
CA VAL B 346 19.64 -10.37 21.07
C VAL B 346 19.02 -8.99 21.27
N LEU B 347 17.71 -8.90 21.08
CA LEU B 347 17.00 -7.64 21.19
C LEU B 347 15.95 -7.62 22.28
N SER B 348 15.28 -8.74 22.54
CA SER B 348 14.20 -8.80 23.53
C SER B 348 14.58 -9.77 24.64
N LEU B 349 13.80 -9.72 25.71
CA LEU B 349 14.00 -10.58 26.88
C LEU B 349 13.78 -12.02 26.49
N GLU B 350 12.74 -12.31 25.73
CA GLU B 350 12.49 -13.71 25.30
C GLU B 350 13.68 -14.21 24.48
N GLN B 351 14.23 -13.44 23.57
CA GLN B 351 15.34 -14.01 22.78
C GLN B 351 16.47 -14.45 23.72
N THR B 352 16.71 -13.65 24.74
CA THR B 352 17.77 -13.82 25.73
C THR B 352 17.58 -15.12 26.52
N GLU B 353 16.35 -15.47 26.84
CA GLU B 353 16.14 -16.69 27.63
C GLU B 353 16.32 -17.88 26.70
N GLN B 354 15.75 -17.80 25.52
CA GLN B 354 15.90 -18.94 24.63
C GLN B 354 17.32 -19.09 24.07
N HIS B 355 18.15 -18.06 24.17
CA HIS B 355 19.51 -18.12 23.65
C HIS B 355 20.37 -19.08 24.46
#